data_2HS0
#
_entry.id   2HS0
#
_cell.length_a   56.872
_cell.length_b   71.530
_cell.length_c   137.406
_cell.angle_alpha   90.00
_cell.angle_beta   90.00
_cell.angle_gamma   90.00
#
_symmetry.space_group_name_H-M   'P 21 21 21'
#
loop_
_entity.id
_entity.type
_entity.pdbx_description
1 polymer 'Phosphoribosylformylglycinamidine synthase II'
2 non-polymer 'MAGNESIUM ION'
3 non-polymer "ADENOSINE-5'-TRIPHOSPHATE"
4 water water
#
_entity_poly.entity_id   1
_entity_poly.type   'polypeptide(L)'
_entity_poly.pdbx_seq_one_letter_code
;MKLRYLNILKEKLGREPTFVELQAFSVMWSEHCGYSHTKKYIRRLPKTGFEGNAGVVNLDDYYSVAFKIESHNHPSAIEP
YNGAATGVGGIIRDVLAMGARPTAIFDSLHMSRIIDGIIEGIADYGNSIGVPTVGGELRISSLYAHNPLVNVLAAGVVRN
DMLVDSKASRPGQVIVIFGGATGRDGIHGASFASEDLTGDKATKLSIQVGDPFAEKMLIEAFLEMVEEGLVEGAQDLGAG
GVLSATSELVAKGNLGAIVHLDRVPLREPDMEPWEILISESQERMAVVTSPQKASRILEIARKHLLFGDVVAEVIEEPVY
RVMYRNDLVMEVPVQLLANAPEEDIVEYTPGKIPEFKRVEFEEVNAREVFEQYDHMVGTDTVVPPGFGAAVMRIKRDGGY
SLVTHSRADLALQDTYWGTLIAVLESVRKTLSVGAEPLAITNCVNYGDPDVDPVGLSAMMTALKNACEFSGVPVASGNAS
LYNTYQGKPIPPTLVVGMLGKVNPQKVAKPKPSKVFAVGWNDFELEREKELWRAIRKLSEEGAFILSSSQLLTRTHVETF
REYGLKIEVKLPEVRPAHQMVLVFSERTPVVDVPVKEIGTLSR
;
_entity_poly.pdbx_strand_id   A
#
loop_
_chem_comp.id
_chem_comp.type
_chem_comp.name
_chem_comp.formula
ATP non-polymer ADENOSINE-5'-TRIPHOSPHATE 'C10 H16 N5 O13 P3'
MG non-polymer 'MAGNESIUM ION' 'Mg 2'
#
# COMPACT_ATOMS: atom_id res chain seq x y z
N LYS A 2 21.18 -7.03 15.53
CA LYS A 2 21.80 -7.47 14.25
C LYS A 2 22.96 -8.45 14.45
N LEU A 3 23.31 -8.80 15.70
CA LEU A 3 24.49 -9.65 15.96
C LEU A 3 24.44 -11.06 15.35
N ARG A 4 23.29 -11.72 15.49
CA ARG A 4 23.17 -13.03 14.88
C ARG A 4 23.44 -12.88 13.36
N TYR A 5 22.90 -11.84 12.73
CA TYR A 5 23.10 -11.56 11.28
C TYR A 5 24.51 -11.08 10.95
N LEU A 6 25.13 -10.28 11.79
CA LEU A 6 26.56 -9.98 11.67
C LEU A 6 27.49 -11.19 11.59
N ASN A 7 27.26 -12.21 12.41
CA ASN A 7 28.15 -13.38 12.35
C ASN A 7 27.90 -14.24 11.13
N ILE A 8 26.66 -14.21 10.64
CA ILE A 8 26.31 -14.83 9.38
C ILE A 8 27.01 -14.10 8.24
N LEU A 9 26.97 -12.78 8.23
CA LEU A 9 27.49 -12.11 7.05
C LEU A 9 28.98 -12.41 7.03
N LYS A 10 29.58 -12.29 8.23
CA LYS A 10 30.99 -12.53 8.58
C LYS A 10 31.49 -13.93 8.18
N GLU A 11 30.69 -14.93 8.49
CA GLU A 11 30.78 -16.28 7.91
C GLU A 11 30.66 -16.31 6.38
N LYS A 12 29.72 -15.56 5.79
CA LYS A 12 29.61 -15.58 4.32
C LYS A 12 30.73 -14.81 3.56
N LEU A 13 31.29 -13.76 4.14
CA LEU A 13 32.37 -13.01 3.49
C LEU A 13 33.75 -13.57 3.80
N GLY A 14 33.82 -14.42 4.82
CA GLY A 14 35.05 -15.08 5.19
C GLY A 14 36.07 -14.05 5.60
N ARG A 15 35.62 -13.04 6.35
CA ARG A 15 36.50 -12.02 6.94
C ARG A 15 35.49 -11.10 7.60
N GLU A 16 35.93 -10.18 8.46
CA GLU A 16 35.08 -9.09 8.91
C GLU A 16 34.88 -8.22 7.69
N PRO A 17 33.75 -7.51 7.64
CA PRO A 17 33.43 -6.73 6.47
C PRO A 17 34.08 -5.37 6.57
N THR A 18 34.35 -4.78 5.40
CA THR A 18 34.74 -3.40 5.37
C THR A 18 33.62 -2.57 5.90
N PHE A 19 33.97 -1.34 6.24
CA PHE A 19 33.02 -0.29 6.46
C PHE A 19 31.88 -0.06 5.42
N VAL A 20 32.21 -0.05 4.12
CA VAL A 20 31.21 0.13 3.08
C VAL A 20 30.20 -1.03 3.21
N GLU A 21 30.70 -2.27 3.20
CA GLU A 21 29.88 -3.46 3.33
C GLU A 21 28.88 -3.39 4.48
N LEU A 22 29.42 -2.99 5.62
CA LEU A 22 28.71 -3.01 6.87
C LEU A 22 27.53 -2.05 6.81
N GLN A 23 27.73 -0.94 6.11
CA GLN A 23 26.61 -0.03 5.80
C GLN A 23 25.68 -0.64 4.72
N ALA A 24 26.22 -1.30 3.70
CA ALA A 24 25.38 -1.89 2.67
C ALA A 24 24.45 -2.85 3.40
N PHE A 25 25.05 -3.80 4.11
CA PHE A 25 24.30 -4.77 4.91
C PHE A 25 23.43 -4.24 6.02
N SER A 26 23.82 -3.21 6.78
CA SER A 26 22.87 -2.66 7.74
C SER A 26 21.56 -2.16 7.13
N VAL A 27 21.59 -1.82 5.84
CA VAL A 27 20.37 -1.37 5.16
C VAL A 27 19.66 -2.55 4.54
N MET A 28 20.34 -3.37 3.77
CA MET A 28 19.63 -4.44 3.08
C MET A 28 19.09 -5.61 3.93
N TRP A 29 19.70 -5.85 5.08
CA TRP A 29 19.26 -6.88 6.05
C TRP A 29 18.48 -6.29 7.21
N SER A 30 18.17 -5.00 7.20
CA SER A 30 17.21 -4.50 8.19
C SER A 30 15.90 -5.26 7.97
N GLU A 31 15.01 -5.10 8.94
CA GLU A 31 13.78 -5.85 8.85
C GLU A 31 12.97 -5.16 7.76
N HIS A 32 13.25 -3.87 7.54
CA HIS A 32 12.47 -3.06 6.61
C HIS A 32 12.78 -3.42 5.16
N CYS A 33 14.04 -3.69 4.87
CA CYS A 33 14.43 -4.10 3.52
C CYS A 33 14.49 -5.61 3.43
N GLY A 34 14.63 -6.26 4.57
CA GLY A 34 14.90 -7.70 4.58
C GLY A 34 13.71 -8.63 4.74
N TYR A 35 12.72 -8.29 5.56
CA TYR A 35 11.51 -9.12 5.78
C TYR A 35 11.86 -10.44 6.43
N SER A 36 12.96 -10.47 7.19
CA SER A 36 13.46 -11.71 7.78
C SER A 36 12.40 -12.48 8.58
N HIS A 37 11.57 -11.76 9.33
CA HIS A 37 10.52 -12.41 10.13
C HIS A 37 9.24 -12.64 9.33
N THR A 38 9.12 -12.05 8.14
CA THR A 38 7.87 -12.26 7.39
C THR A 38 7.90 -12.92 6.05
N LYS A 39 9.05 -13.09 5.40
CA LYS A 39 9.07 -13.72 4.06
C LYS A 39 8.60 -15.16 3.91
N LYS A 40 8.80 -16.04 4.89
CA LYS A 40 8.16 -17.35 4.88
C LYS A 40 6.62 -17.38 4.94
N TYR A 41 6.04 -16.48 5.72
CA TYR A 41 4.61 -16.35 5.87
C TYR A 41 4.00 -15.73 4.62
N ILE A 42 4.78 -14.88 3.96
CA ILE A 42 4.39 -14.22 2.72
C ILE A 42 4.39 -15.23 1.56
N ARG A 43 5.36 -16.12 1.54
CA ARG A 43 5.33 -17.20 0.56
C ARG A 43 4.07 -18.02 0.71
N ARG A 44 3.45 -18.01 1.89
CA ARG A 44 2.29 -18.88 2.04
C ARG A 44 1.02 -18.27 1.45
N LEU A 45 0.96 -16.95 1.36
CA LEU A 45 -0.21 -16.26 0.79
C LEU A 45 -0.51 -16.67 -0.66
N PRO A 46 -1.82 -16.86 -0.95
CA PRO A 46 -2.24 -16.91 -2.35
C PRO A 46 -2.02 -15.54 -3.01
N LYS A 47 -1.28 -15.58 -4.14
CA LYS A 47 -0.88 -14.40 -4.90
C LYS A 47 -1.47 -14.25 -6.32
N THR A 48 -1.33 -13.05 -6.86
CA THR A 48 -1.59 -12.75 -8.26
C THR A 48 -0.62 -11.64 -8.66
N GLY A 49 -0.45 -11.56 -9.96
CA GLY A 49 0.50 -10.64 -10.59
C GLY A 49 0.29 -10.99 -12.04
N PHE A 50 -0.38 -10.09 -12.76
CA PHE A 50 -0.73 -10.35 -14.15
C PHE A 50 0.54 -10.72 -14.88
N GLU A 51 0.48 -11.78 -15.67
CA GLU A 51 1.56 -12.27 -16.55
C GLU A 51 2.93 -12.14 -15.91
N GLY A 52 3.04 -12.46 -14.62
CA GLY A 52 4.28 -12.23 -13.91
C GLY A 52 4.38 -11.01 -13.00
N ASN A 53 3.72 -9.90 -13.30
CA ASN A 53 3.95 -8.68 -12.54
C ASN A 53 3.20 -8.50 -11.20
N ALA A 54 3.90 -8.65 -10.08
CA ALA A 54 3.31 -8.37 -8.78
C ALA A 54 2.79 -6.95 -8.76
N GLY A 55 1.56 -6.82 -8.26
CA GLY A 55 1.03 -5.52 -7.85
C GLY A 55 0.17 -5.02 -8.99
N VAL A 56 0.13 -5.80 -10.06
CA VAL A 56 -0.65 -5.48 -11.24
C VAL A 56 -1.78 -6.48 -11.35
N VAL A 57 -2.99 -5.96 -11.31
CA VAL A 57 -4.08 -6.85 -11.51
C VAL A 57 -4.89 -6.48 -12.76
N ASN A 58 -4.98 -7.44 -13.68
CA ASN A 58 -5.74 -7.28 -14.90
C ASN A 58 -7.19 -7.02 -14.59
N LEU A 59 -7.72 -5.97 -15.19
CA LEU A 59 -9.07 -5.57 -14.97
C LEU A 59 -9.90 -6.13 -16.11
N ASP A 60 -9.47 -5.93 -17.35
CA ASP A 60 -10.40 -6.22 -18.41
C ASP A 60 -9.73 -6.64 -19.68
N ASP A 61 -8.60 -7.34 -19.56
CA ASP A 61 -7.84 -7.61 -20.79
C ASP A 61 -7.28 -6.51 -21.63
N TYR A 62 -7.52 -5.28 -21.25
CA TYR A 62 -6.83 -4.23 -21.97
C TYR A 62 -6.10 -3.35 -20.97
N TYR A 63 -6.73 -3.09 -19.82
CA TYR A 63 -6.04 -2.40 -18.76
C TYR A 63 -5.90 -3.25 -17.51
N SER A 64 -4.91 -2.85 -16.73
CA SER A 64 -4.65 -3.41 -15.42
C SER A 64 -4.58 -2.28 -14.37
N VAL A 65 -4.88 -2.58 -13.11
CA VAL A 65 -4.57 -1.64 -12.05
C VAL A 65 -3.36 -2.07 -11.22
N ALA A 66 -2.40 -1.14 -11.18
CA ALA A 66 -1.21 -1.26 -10.37
C ALA A 66 -1.51 -0.63 -9.01
N PHE A 67 -1.31 -1.35 -7.90
CA PHE A 67 -1.69 -0.82 -6.58
C PHE A 67 -0.91 -1.45 -5.45
N LYS A 68 -0.60 -0.59 -4.47
CA LYS A 68 0.20 -1.09 -3.37
C LYS A 68 -0.01 -0.19 -2.17
N ILE A 69 0.18 -0.68 -0.96
CA ILE A 69 0.04 0.12 0.25
C ILE A 69 1.38 0.01 0.95
N GLU A 70 1.83 1.08 1.60
CA GLU A 70 3.10 1.10 2.35
C GLU A 70 2.89 1.79 3.66
N SER A 71 3.76 1.59 4.63
CA SER A 71 3.64 2.33 5.88
C SER A 71 4.76 3.35 6.06
N HIS A 72 4.46 4.45 6.74
CA HIS A 72 5.50 5.37 7.09
C HIS A 72 5.38 5.77 8.54
N ASN A 73 5.44 4.81 9.43
CA ASN A 73 4.97 5.09 10.79
C ASN A 73 5.96 5.92 11.60
N HIS A 74 7.09 5.31 11.86
CA HIS A 74 8.20 6.00 12.55
C HIS A 74 8.52 7.44 12.09
N PRO A 75 8.74 7.60 10.75
CA PRO A 75 8.98 8.89 10.12
C PRO A 75 7.91 9.88 10.46
N SER A 76 6.67 9.40 10.52
CA SER A 76 5.52 10.24 10.84
C SER A 76 5.40 10.62 12.30
N ALA A 77 5.85 9.75 13.20
CA ALA A 77 5.91 10.10 14.61
C ALA A 77 6.99 11.15 14.87
N ILE A 78 8.21 10.98 14.37
CA ILE A 78 9.24 12.02 14.48
C ILE A 78 8.83 13.35 13.85
N GLU A 79 8.34 13.35 12.61
CA GLU A 79 7.90 14.57 11.92
C GLU A 79 6.64 14.42 11.08
N PRO A 80 5.48 14.70 11.72
CA PRO A 80 4.17 14.36 11.16
C PRO A 80 4.01 14.79 9.72
N TYR A 81 4.19 16.08 9.42
CA TYR A 81 3.98 16.68 8.10
C TYR A 81 4.88 16.13 7.01
N ASN A 82 6.19 16.14 7.21
CA ASN A 82 7.13 15.64 6.20
C ASN A 82 7.03 14.13 6.14
N GLY A 83 6.93 13.49 7.29
CA GLY A 83 6.89 12.05 7.38
C GLY A 83 5.83 11.56 6.42
N ALA A 84 4.63 12.09 6.59
CA ALA A 84 3.42 11.70 5.91
C ALA A 84 3.49 12.13 4.42
N ALA A 85 3.98 13.34 4.14
CA ALA A 85 4.12 13.83 2.78
C ALA A 85 5.14 13.00 1.99
N THR A 86 6.26 12.72 2.64
CA THR A 86 7.23 11.83 2.03
C THR A 86 6.73 10.37 1.87
N GLY A 87 5.83 9.92 2.72
CA GLY A 87 5.41 8.56 2.47
C GLY A 87 4.46 8.61 1.28
N VAL A 88 3.68 9.69 1.08
CA VAL A 88 2.96 9.72 -0.16
C VAL A 88 3.88 9.67 -1.37
N GLY A 89 4.95 10.46 -1.34
CA GLY A 89 5.81 10.54 -2.52
C GLY A 89 6.47 9.20 -2.75
N GLY A 90 6.86 8.49 -1.68
CA GLY A 90 7.39 7.11 -1.85
C GLY A 90 6.43 6.12 -2.47
N ILE A 91 5.21 6.01 -1.94
CA ILE A 91 4.27 5.06 -2.52
C ILE A 91 3.86 5.42 -3.97
N ILE A 92 3.74 6.71 -4.27
CA ILE A 92 3.37 7.08 -5.64
C ILE A 92 4.42 6.59 -6.66
N ARG A 93 5.67 6.78 -6.29
CA ARG A 93 6.83 6.38 -7.04
C ARG A 93 6.84 4.88 -7.27
N ASP A 94 6.44 4.11 -6.27
CA ASP A 94 6.41 2.64 -6.36
C ASP A 94 5.42 2.23 -7.46
N VAL A 95 4.32 2.95 -7.61
CA VAL A 95 3.30 2.50 -8.53
C VAL A 95 3.71 3.01 -9.90
N LEU A 96 4.22 4.23 -9.93
CA LEU A 96 4.86 4.69 -11.16
C LEU A 96 5.78 3.63 -11.82
N ALA A 97 6.64 2.94 -11.06
CA ALA A 97 7.69 2.12 -11.58
C ALA A 97 7.11 0.89 -12.33
N MET A 98 5.82 0.68 -12.15
CA MET A 98 5.17 -0.46 -12.71
C MET A 98 4.56 0.07 -13.99
N GLY A 99 4.79 1.35 -14.28
CA GLY A 99 4.34 1.91 -15.55
C GLY A 99 2.94 2.50 -15.49
N ALA A 100 2.38 2.62 -14.29
CA ALA A 100 0.99 2.94 -14.12
C ALA A 100 1.01 4.42 -13.91
N ARG A 101 0.10 5.15 -14.55
CA ARG A 101 -0.18 6.54 -14.16
C ARG A 101 -0.97 6.65 -12.83
N PRO A 102 -0.39 7.31 -11.82
CA PRO A 102 -1.00 7.29 -10.50
C PRO A 102 -2.31 8.05 -10.51
N THR A 103 -3.41 7.35 -10.20
CA THR A 103 -4.74 7.96 -10.15
C THR A 103 -5.38 8.24 -8.76
N ALA A 104 -4.96 7.57 -7.67
CA ALA A 104 -5.70 7.75 -6.42
C ALA A 104 -4.81 7.47 -5.22
N ILE A 105 -4.99 8.25 -4.17
CA ILE A 105 -4.36 7.98 -2.89
C ILE A 105 -5.37 7.59 -1.81
N PHE A 106 -5.04 6.65 -0.94
CA PHE A 106 -5.74 6.30 0.30
C PHE A 106 -4.76 6.40 1.44
N ASP A 107 -5.15 7.08 2.51
CA ASP A 107 -4.31 7.08 3.71
C ASP A 107 -5.11 6.38 4.81
N SER A 108 -4.60 5.30 5.37
CA SER A 108 -5.26 4.69 6.52
C SER A 108 -4.55 5.19 7.79
N LEU A 109 -5.20 5.97 8.67
CA LEU A 109 -4.48 6.58 9.80
C LEU A 109 -4.97 6.01 11.11
N HIS A 110 -4.05 5.84 12.07
CA HIS A 110 -4.35 5.29 13.39
C HIS A 110 -3.62 6.16 14.40
N MET A 111 -4.38 6.98 15.11
CA MET A 111 -3.80 8.10 15.89
C MET A 111 -4.48 8.17 17.26
N SER A 112 -3.82 8.66 18.30
CA SER A 112 -4.62 9.03 19.48
C SER A 112 -5.43 10.34 19.30
N ARG A 113 -5.12 11.16 18.30
CA ARG A 113 -5.92 12.36 18.01
C ARG A 113 -5.80 12.63 16.51
N ILE A 114 -6.58 13.57 15.99
CA ILE A 114 -6.40 14.02 14.62
C ILE A 114 -5.10 14.85 14.54
N ILE A 115 -4.00 14.26 14.10
CA ILE A 115 -2.77 15.02 14.05
C ILE A 115 -2.81 15.82 12.74
N ASP A 116 -3.10 17.13 12.89
CA ASP A 116 -3.29 17.98 11.72
C ASP A 116 -2.13 17.82 10.74
N GLY A 117 -0.89 17.98 11.21
CA GLY A 117 0.31 17.94 10.37
C GLY A 117 0.34 16.67 9.52
N ILE A 118 -0.18 15.56 10.04
CA ILE A 118 -0.24 14.31 9.23
C ILE A 118 -1.29 14.36 8.09
N ILE A 119 -2.43 14.95 8.41
CA ILE A 119 -3.48 15.22 7.46
C ILE A 119 -3.10 16.15 6.33
N GLU A 120 -2.53 17.30 6.66
CA GLU A 120 -2.07 18.25 5.67
C GLU A 120 -0.83 17.83 4.89
N GLY A 121 0.12 17.13 5.50
CA GLY A 121 1.22 16.62 4.73
C GLY A 121 0.68 15.69 3.64
N ILE A 122 -0.27 14.81 3.93
CA ILE A 122 -0.90 13.96 2.92
C ILE A 122 -1.65 14.82 1.87
N ALA A 123 -2.53 15.73 2.31
CA ALA A 123 -3.28 16.63 1.44
C ALA A 123 -2.41 17.52 0.59
N ASP A 124 -1.47 18.24 1.21
CA ASP A 124 -0.69 19.15 0.39
C ASP A 124 0.08 18.51 -0.72
N TYR A 125 0.78 17.40 -0.42
CA TYR A 125 1.63 16.67 -1.36
C TYR A 125 0.75 16.15 -2.48
N GLY A 126 -0.39 15.57 -2.14
CA GLY A 126 -1.22 14.93 -3.16
C GLY A 126 -1.83 15.98 -4.06
N ASN A 127 -2.22 17.10 -3.46
CA ASN A 127 -2.76 18.24 -4.21
C ASN A 127 -1.71 18.74 -5.19
N SER A 128 -0.47 18.95 -4.74
CA SER A 128 0.62 19.37 -5.59
C SER A 128 1.15 18.42 -6.66
N ILE A 129 0.97 17.11 -6.52
CA ILE A 129 1.32 16.25 -7.64
C ILE A 129 0.13 15.99 -8.56
N GLY A 130 -1.09 16.33 -8.12
CA GLY A 130 -2.31 16.27 -8.94
C GLY A 130 -2.85 14.84 -8.87
N VAL A 131 -2.77 14.22 -7.70
CA VAL A 131 -3.24 12.85 -7.55
C VAL A 131 -4.20 12.96 -6.40
N PRO A 132 -5.51 12.75 -6.62
CA PRO A 132 -6.42 13.05 -5.53
C PRO A 132 -6.47 11.96 -4.48
N THR A 133 -6.82 12.36 -3.26
CA THR A 133 -7.03 11.42 -2.16
C THR A 133 -8.50 11.06 -2.07
N VAL A 134 -8.76 9.78 -2.14
CA VAL A 134 -10.07 9.30 -2.48
C VAL A 134 -10.73 8.54 -1.32
N GLY A 135 -10.03 8.32 -0.21
CA GLY A 135 -10.59 7.56 0.93
C GLY A 135 -9.50 7.16 1.89
N GLY A 136 -9.80 6.44 2.97
CA GLY A 136 -8.65 5.99 3.75
C GLY A 136 -9.34 5.67 5.05
N GLU A 137 -8.71 5.86 6.20
CA GLU A 137 -9.32 5.38 7.45
C GLU A 137 -8.86 6.40 8.43
N LEU A 138 -9.60 6.58 9.51
CA LEU A 138 -9.23 7.58 10.50
C LEU A 138 -9.62 6.99 11.85
N ARG A 139 -8.72 6.17 12.37
CA ARG A 139 -9.03 5.26 13.45
C ARG A 139 -8.42 5.91 14.70
N ILE A 140 -9.22 6.34 15.66
CA ILE A 140 -8.68 7.13 16.77
C ILE A 140 -8.84 6.41 18.11
N SER A 141 -7.73 6.29 18.83
CA SER A 141 -7.75 5.62 20.13
C SER A 141 -6.41 5.90 20.79
N SER A 142 -6.37 6.02 22.12
CA SER A 142 -5.14 6.34 22.86
C SER A 142 -4.11 5.26 22.74
N LEU A 143 -4.57 4.08 22.34
CA LEU A 143 -3.71 2.95 22.05
C LEU A 143 -2.64 3.23 21.01
N TYR A 144 -2.84 4.27 20.21
CA TYR A 144 -1.79 4.56 19.25
C TYR A 144 -1.02 5.81 19.63
N ALA A 145 -1.19 6.28 20.87
CA ALA A 145 -0.60 7.54 21.34
C ALA A 145 0.92 7.66 21.15
N HIS A 146 1.65 6.56 21.28
CA HIS A 146 3.09 6.64 21.11
C HIS A 146 3.53 6.05 19.78
N ASN A 147 2.59 5.54 18.98
CA ASN A 147 2.92 4.93 17.70
C ASN A 147 1.85 5.19 16.62
N PRO A 148 1.72 6.43 16.18
CA PRO A 148 0.84 6.71 15.05
C PRO A 148 1.11 5.76 13.90
N LEU A 149 0.04 5.24 13.27
CA LEU A 149 0.24 4.41 12.08
C LEU A 149 -0.21 5.21 10.86
N VAL A 150 0.67 5.26 9.86
CA VAL A 150 0.40 5.99 8.61
C VAL A 150 0.63 5.08 7.43
N ASN A 151 -0.45 4.54 6.88
CA ASN A 151 -0.32 3.57 5.80
C ASN A 151 -0.91 4.22 4.54
N VAL A 152 -0.11 4.45 3.51
CA VAL A 152 -0.62 5.05 2.31
C VAL A 152 -0.61 4.06 1.17
N LEU A 153 -1.75 4.05 0.51
CA LEU A 153 -2.03 3.21 -0.62
C LEU A 153 -2.07 4.05 -1.87
N ALA A 154 -1.44 3.61 -2.94
CA ALA A 154 -1.54 4.35 -4.20
C ALA A 154 -2.07 3.45 -5.30
N ALA A 155 -2.81 4.03 -6.25
CA ALA A 155 -3.22 3.16 -7.35
C ALA A 155 -3.08 3.84 -8.68
N GLY A 156 -2.95 3.06 -9.75
CA GLY A 156 -3.08 3.78 -11.03
C GLY A 156 -3.38 2.78 -12.12
N VAL A 157 -3.71 3.28 -13.30
CA VAL A 157 -3.96 2.50 -14.50
C VAL A 157 -2.80 2.35 -15.52
N VAL A 158 -2.58 1.12 -15.97
CA VAL A 158 -1.57 0.87 -16.98
C VAL A 158 -2.14 0.00 -18.08
N ARG A 159 -1.73 0.21 -19.34
CA ARG A 159 -2.22 -0.68 -20.38
C ARG A 159 -1.45 -1.98 -20.25
N ASN A 160 -2.11 -3.10 -20.49
CA ASN A 160 -1.41 -4.37 -20.45
C ASN A 160 -0.27 -4.55 -21.45
N ASP A 161 -0.14 -3.65 -22.42
CA ASP A 161 0.84 -3.84 -23.50
C ASP A 161 2.01 -2.92 -23.21
N MET A 162 1.95 -2.29 -22.04
CA MET A 162 2.95 -1.33 -21.59
C MET A 162 3.31 -1.52 -20.11
N LEU A 163 3.30 -2.76 -19.64
CA LEU A 163 3.67 -3.05 -18.25
C LEU A 163 5.19 -3.11 -18.18
N VAL A 164 5.75 -2.44 -17.19
CA VAL A 164 7.20 -2.29 -17.07
C VAL A 164 7.67 -3.38 -16.14
N ASP A 165 8.71 -4.07 -16.57
CA ASP A 165 9.18 -5.17 -15.76
C ASP A 165 10.01 -4.59 -14.60
N SER A 166 10.07 -5.24 -13.44
CA SER A 166 10.92 -4.71 -12.42
C SER A 166 12.24 -5.48 -12.27
N LYS A 167 12.89 -5.80 -13.38
CA LYS A 167 14.17 -6.47 -13.26
C LYS A 167 15.04 -6.34 -14.47
N ALA A 168 16.36 -6.51 -14.31
CA ALA A 168 17.21 -6.71 -15.50
C ALA A 168 16.97 -8.09 -16.12
N SER A 169 17.25 -8.23 -17.42
CA SER A 169 16.99 -9.40 -18.28
C SER A 169 18.20 -10.01 -18.99
N ARG A 170 19.17 -9.18 -19.36
CA ARG A 170 20.28 -9.65 -20.18
C ARG A 170 21.53 -8.81 -19.92
N PRO A 171 22.72 -9.45 -19.94
CA PRO A 171 23.92 -8.60 -19.90
C PRO A 171 23.92 -7.56 -21.02
N GLY A 172 24.53 -6.42 -20.69
CA GLY A 172 24.78 -5.34 -21.63
C GLY A 172 23.78 -4.23 -21.40
N GLN A 173 22.69 -4.57 -20.71
CA GLN A 173 21.74 -3.53 -20.39
C GLN A 173 22.50 -2.53 -19.52
N VAL A 174 21.98 -1.29 -19.45
CA VAL A 174 22.54 -0.35 -18.46
C VAL A 174 21.40 0.13 -17.57
N ILE A 175 21.76 0.73 -16.42
CA ILE A 175 20.82 1.36 -15.50
C ILE A 175 21.05 2.85 -15.40
N VAL A 176 19.99 3.55 -15.79
CA VAL A 176 20.00 4.99 -15.65
C VAL A 176 19.38 5.31 -14.29
N ILE A 177 19.91 6.27 -13.53
CA ILE A 177 19.22 6.92 -12.44
C ILE A 177 18.90 8.35 -12.79
N PHE A 178 17.66 8.78 -12.54
CA PHE A 178 17.30 10.16 -12.79
C PHE A 178 16.25 10.66 -11.83
N GLY A 179 16.05 11.96 -11.79
CA GLY A 179 15.10 12.53 -10.86
C GLY A 179 15.79 13.65 -10.13
N GLY A 180 15.42 13.91 -8.87
CA GLY A 180 16.23 14.84 -8.09
C GLY A 180 17.67 14.37 -7.90
N ALA A 181 18.49 15.30 -7.42
CA ALA A 181 19.91 14.98 -7.22
C ALA A 181 20.07 14.29 -5.86
N THR A 182 21.22 13.67 -5.63
CA THR A 182 21.51 12.95 -4.39
C THR A 182 22.29 13.83 -3.38
N GLY A 183 21.87 13.88 -2.13
CA GLY A 183 22.48 14.67 -1.06
C GLY A 183 22.55 13.69 0.09
N ARG A 184 22.95 14.18 1.25
CA ARG A 184 23.13 13.25 2.35
C ARG A 184 21.81 12.99 3.05
N ASP A 185 20.78 12.49 2.37
CA ASP A 185 19.49 12.30 3.06
C ASP A 185 19.33 10.89 3.64
N GLY A 186 18.91 10.79 4.90
CA GLY A 186 18.72 9.50 5.60
C GLY A 186 19.96 8.65 5.88
N ILE A 187 21.09 9.33 6.06
CA ILE A 187 22.30 8.67 6.45
C ILE A 187 22.72 9.22 7.81
N ILE A 207 14.17 13.81 8.34
CA ILE A 207 13.32 13.44 7.20
C ILE A 207 13.61 14.47 6.11
N GLN A 208 13.83 14.01 4.88
CA GLN A 208 13.91 14.96 3.76
C GLN A 208 12.52 15.53 3.42
N VAL A 209 12.48 16.82 3.09
CA VAL A 209 11.27 17.47 2.64
C VAL A 209 11.07 17.07 1.17
N GLY A 210 10.25 16.06 0.91
CA GLY A 210 10.10 15.64 -0.48
C GLY A 210 9.54 16.86 -1.19
N ASP A 211 9.84 17.05 -2.48
CA ASP A 211 8.94 17.91 -3.24
C ASP A 211 8.06 17.31 -4.31
N PRO A 212 6.77 17.62 -4.15
CA PRO A 212 5.68 17.29 -5.06
C PRO A 212 5.95 17.77 -6.49
N PHE A 213 6.56 18.95 -6.63
CA PHE A 213 6.74 19.57 -7.97
C PHE A 213 7.84 18.91 -8.78
N ALA A 214 8.83 18.36 -8.09
CA ALA A 214 9.84 17.49 -8.67
C ALA A 214 9.26 16.13 -9.05
N GLU A 215 8.57 15.52 -8.09
CA GLU A 215 7.83 14.32 -8.32
C GLU A 215 6.84 14.37 -9.52
N LYS A 216 6.08 15.45 -9.67
CA LYS A 216 5.19 15.59 -10.84
C LYS A 216 6.07 15.47 -12.07
N MET A 217 7.24 16.12 -12.09
CA MET A 217 8.03 16.13 -13.34
C MET A 217 8.55 14.75 -13.58
N LEU A 218 8.82 14.04 -12.48
CA LEU A 218 9.29 12.64 -12.56
C LEU A 218 8.24 11.71 -13.16
N ILE A 219 7.03 11.85 -12.63
CA ILE A 219 5.88 11.22 -13.29
C ILE A 219 5.78 11.43 -14.81
N GLU A 220 5.69 12.67 -15.24
CA GLU A 220 5.61 12.97 -16.67
C GLU A 220 6.82 12.39 -17.39
N ALA A 221 8.03 12.66 -16.93
CA ALA A 221 9.20 12.15 -17.60
C ALA A 221 9.14 10.63 -17.69
N PHE A 222 8.84 9.95 -16.60
CA PHE A 222 8.88 8.49 -16.67
C PHE A 222 7.82 8.02 -17.65
N LEU A 223 6.63 8.62 -17.56
CA LEU A 223 5.61 8.07 -18.45
C LEU A 223 5.95 8.27 -19.93
N GLU A 224 6.49 9.42 -20.29
CA GLU A 224 7.01 9.71 -21.62
C GLU A 224 8.12 8.77 -22.09
N MET A 225 9.08 8.45 -21.23
CA MET A 225 9.98 7.36 -21.56
C MET A 225 9.29 6.01 -21.75
N VAL A 226 8.25 5.74 -20.98
CA VAL A 226 7.49 4.50 -21.17
C VAL A 226 6.81 4.42 -22.52
N GLU A 227 6.15 5.52 -22.88
CA GLU A 227 5.40 5.63 -24.13
C GLU A 227 6.28 5.42 -25.38
N GLU A 228 7.51 5.94 -25.38
CA GLU A 228 8.45 5.64 -26.45
C GLU A 228 9.13 4.27 -26.39
N GLY A 229 8.71 3.32 -25.57
CA GLY A 229 9.40 2.03 -25.57
C GLY A 229 10.79 2.01 -24.95
N LEU A 230 11.14 3.00 -24.12
CA LEU A 230 12.52 3.11 -23.67
C LEU A 230 12.81 2.33 -22.38
N VAL A 231 11.77 2.09 -21.57
CA VAL A 231 11.97 1.46 -20.28
C VAL A 231 11.88 -0.08 -20.34
N GLU A 232 12.95 -0.80 -20.11
CA GLU A 232 12.82 -2.25 -20.11
C GLU A 232 12.67 -2.82 -18.69
N GLY A 233 12.65 -1.97 -17.65
CA GLY A 233 12.64 -2.46 -16.28
C GLY A 233 12.84 -1.18 -15.54
N ALA A 234 12.39 -1.10 -14.29
CA ALA A 234 12.48 0.14 -13.49
C ALA A 234 12.20 -0.23 -12.03
N GLN A 235 12.67 0.63 -11.14
CA GLN A 235 12.49 0.40 -9.73
C GLN A 235 12.73 1.76 -9.13
N ASP A 236 11.84 2.22 -8.29
CA ASP A 236 12.02 3.50 -7.61
C ASP A 236 13.12 3.44 -6.52
N LEU A 237 13.76 4.58 -6.30
CA LEU A 237 14.65 4.76 -5.14
C LEU A 237 13.92 5.08 -3.83
N GLY A 238 14.04 4.17 -2.85
CA GLY A 238 13.51 4.35 -1.53
C GLY A 238 14.53 4.19 -0.42
N ALA A 239 14.25 3.20 0.40
CA ALA A 239 15.21 2.80 1.40
C ALA A 239 16.43 2.22 0.70
N GLY A 240 17.61 2.59 1.18
CA GLY A 240 18.81 2.02 0.61
C GLY A 240 19.31 2.68 -0.66
N GLY A 241 18.52 3.59 -1.21
CA GLY A 241 18.96 4.34 -2.39
C GLY A 241 19.47 3.53 -3.57
N VAL A 242 20.58 3.96 -4.17
CA VAL A 242 21.12 3.40 -5.40
C VAL A 242 21.39 1.94 -5.13
N LEU A 243 21.67 1.66 -3.86
CA LEU A 243 22.12 0.33 -3.49
C LEU A 243 21.04 -0.70 -3.74
N SER A 244 19.89 -0.55 -3.08
CA SER A 244 18.70 -1.38 -3.31
C SER A 244 18.19 -1.34 -4.72
N ALA A 245 17.84 -0.18 -5.24
CA ALA A 245 17.31 -0.20 -6.58
C ALA A 245 18.17 -1.08 -7.53
N THR A 246 19.52 -0.99 -7.47
CA THR A 246 20.40 -1.59 -8.48
C THR A 246 20.67 -3.05 -8.13
N SER A 247 20.95 -3.35 -6.86
CA SER A 247 21.05 -4.76 -6.44
C SER A 247 19.78 -5.58 -6.69
N GLU A 248 18.65 -4.95 -6.41
CA GLU A 248 17.38 -5.64 -6.63
C GLU A 248 17.14 -5.85 -8.10
N LEU A 249 17.26 -4.84 -8.95
CA LEU A 249 17.04 -5.09 -10.40
C LEU A 249 17.79 -6.29 -10.97
N VAL A 250 19.09 -6.37 -10.73
CA VAL A 250 19.90 -7.49 -11.22
C VAL A 250 19.67 -8.78 -10.48
N ALA A 251 19.56 -8.72 -9.15
CA ALA A 251 19.24 -9.89 -8.33
C ALA A 251 17.96 -10.57 -8.80
N LYS A 252 16.90 -9.81 -9.08
CA LYS A 252 15.71 -10.47 -9.64
C LYS A 252 15.93 -11.15 -10.99
N GLY A 253 16.85 -10.64 -11.79
CA GLY A 253 17.10 -11.22 -13.10
C GLY A 253 18.16 -12.30 -13.06
N ASN A 254 18.69 -12.61 -11.87
CA ASN A 254 19.84 -13.48 -11.69
C ASN A 254 21.09 -13.00 -12.42
N LEU A 255 21.32 -11.68 -12.44
CA LEU A 255 22.41 -11.09 -13.21
C LEU A 255 23.41 -10.47 -12.22
N GLY A 256 24.37 -9.65 -12.64
CA GLY A 256 25.14 -8.85 -11.67
C GLY A 256 25.15 -7.42 -12.17
N ALA A 257 25.98 -6.57 -11.60
CA ALA A 257 26.07 -5.14 -11.99
C ALA A 257 27.46 -4.66 -11.66
N ILE A 258 27.95 -3.73 -12.46
CA ILE A 258 29.05 -2.88 -12.00
C ILE A 258 28.41 -1.51 -11.85
N VAL A 259 28.58 -0.88 -10.69
CA VAL A 259 27.94 0.41 -10.53
C VAL A 259 28.95 1.53 -10.33
N HIS A 260 28.75 2.64 -11.03
CA HIS A 260 29.78 3.67 -11.15
C HIS A 260 29.27 4.87 -10.38
N LEU A 261 29.72 4.95 -9.13
CA LEU A 261 29.22 5.93 -8.17
C LEU A 261 29.47 7.37 -8.56
N ASP A 262 30.49 7.58 -9.36
CA ASP A 262 30.86 8.89 -9.91
C ASP A 262 29.90 9.49 -10.95
N ARG A 263 29.02 8.67 -11.50
CA ARG A 263 28.08 9.14 -12.51
C ARG A 263 26.76 9.60 -11.87
N VAL A 264 26.59 9.29 -10.59
CA VAL A 264 25.38 9.72 -9.88
C VAL A 264 25.32 11.21 -9.67
N PRO A 265 24.33 11.86 -10.27
CA PRO A 265 24.26 13.34 -10.05
C PRO A 265 24.13 13.82 -8.60
N LEU A 266 25.13 14.53 -8.07
CA LEU A 266 25.16 14.96 -6.65
C LEU A 266 24.60 16.37 -6.36
N ARG A 267 23.98 16.53 -5.21
CA ARG A 267 23.44 17.78 -4.75
C ARG A 267 24.52 18.31 -3.80
N GLU A 268 25.29 17.39 -3.22
CA GLU A 268 26.49 17.73 -2.46
C GLU A 268 27.75 17.08 -3.00
N PRO A 269 28.48 17.81 -3.87
CA PRO A 269 29.48 17.23 -4.78
C PRO A 269 30.67 16.56 -4.09
N ASP A 270 30.76 16.76 -2.77
CA ASP A 270 31.85 16.32 -1.94
C ASP A 270 31.41 15.18 -1.03
N MET A 271 30.59 14.27 -1.53
CA MET A 271 30.16 13.14 -0.71
C MET A 271 31.09 11.98 -0.92
N GLU A 272 31.37 11.23 0.15
CA GLU A 272 32.04 9.93 0.01
C GLU A 272 31.26 8.82 -0.71
N PRO A 273 31.99 7.84 -1.27
CA PRO A 273 31.34 6.81 -2.03
C PRO A 273 30.23 6.05 -1.29
N TRP A 274 30.46 5.73 -0.02
CA TRP A 274 29.40 5.04 0.71
C TRP A 274 28.14 5.93 0.83
N GLU A 275 28.30 7.23 0.94
CA GLU A 275 27.13 8.09 1.09
C GLU A 275 26.35 8.21 -0.25
N ILE A 276 27.07 8.24 -1.35
CA ILE A 276 26.35 8.22 -2.60
C ILE A 276 25.45 6.97 -2.71
N LEU A 277 25.96 5.86 -2.19
CA LEU A 277 25.39 4.58 -2.49
C LEU A 277 24.14 4.32 -1.68
N ILE A 278 24.02 5.05 -0.58
CA ILE A 278 23.11 4.67 0.49
C ILE A 278 22.14 5.80 0.72
N SER A 279 22.43 6.91 0.05
CA SER A 279 21.59 8.10 0.28
C SER A 279 20.15 7.75 -0.05
N GLU A 280 19.24 8.28 0.74
CA GLU A 280 17.83 8.11 0.50
C GLU A 280 17.12 9.37 -0.05
N SER A 281 17.75 10.03 -1.03
CA SER A 281 17.28 11.31 -1.55
C SER A 281 15.97 11.07 -2.28
N GLN A 282 15.01 11.98 -2.15
CA GLN A 282 13.74 11.76 -2.84
C GLN A 282 13.71 11.93 -4.36
N GLU A 283 12.56 11.57 -4.91
CA GLU A 283 12.24 11.63 -6.32
C GLU A 283 13.27 11.10 -7.33
N ARG A 284 13.75 9.91 -7.04
CA ARG A 284 14.72 9.31 -7.93
C ARG A 284 14.19 7.97 -8.48
N MET A 285 14.50 7.71 -9.74
CA MET A 285 14.00 6.46 -10.31
C MET A 285 15.15 5.67 -10.93
N ALA A 286 15.17 4.34 -10.90
CA ALA A 286 16.08 3.58 -11.75
C ALA A 286 15.40 3.02 -13.01
N VAL A 287 16.06 3.10 -14.17
CA VAL A 287 15.46 2.61 -15.41
C VAL A 287 16.47 1.63 -16.02
N VAL A 288 16.12 0.34 -16.16
CA VAL A 288 16.90 -0.62 -16.96
C VAL A 288 16.60 -0.48 -18.44
N THR A 289 17.62 -0.42 -19.29
CA THR A 289 17.43 -0.17 -20.72
C THR A 289 18.55 -0.72 -21.59
N SER A 290 18.36 -0.64 -22.90
CA SER A 290 19.45 -0.78 -23.87
C SER A 290 20.29 0.48 -23.89
N PRO A 291 21.63 0.33 -23.96
CA PRO A 291 22.52 1.52 -24.04
C PRO A 291 22.20 2.53 -25.15
N GLN A 292 21.62 2.03 -26.25
CA GLN A 292 21.23 2.83 -27.40
C GLN A 292 20.09 3.80 -27.09
N LYS A 293 19.19 3.42 -26.15
CA LYS A 293 18.09 4.24 -25.63
C LYS A 293 18.39 5.23 -24.48
N ALA A 294 19.47 4.98 -23.75
CA ALA A 294 19.77 5.73 -22.57
C ALA A 294 19.91 7.21 -22.78
N SER A 295 20.14 7.61 -24.02
CA SER A 295 20.50 8.99 -24.31
C SER A 295 19.27 9.78 -24.65
N ARG A 296 18.27 9.08 -25.17
CA ARG A 296 16.87 9.53 -25.19
C ARG A 296 16.29 9.67 -23.77
N ILE A 297 16.42 8.65 -22.93
CA ILE A 297 16.03 8.77 -21.52
C ILE A 297 16.56 10.06 -20.89
N LEU A 298 17.86 10.27 -21.09
CA LEU A 298 18.62 11.37 -20.49
C LEU A 298 18.13 12.71 -20.95
N GLU A 299 17.74 12.77 -22.21
CA GLU A 299 17.14 13.90 -22.87
C GLU A 299 15.70 14.18 -22.42
N ILE A 300 14.87 13.17 -22.25
CA ILE A 300 13.57 13.45 -21.63
C ILE A 300 13.82 13.97 -20.19
N ALA A 301 14.67 13.31 -19.43
CA ALA A 301 14.88 13.82 -18.10
C ALA A 301 15.21 15.30 -18.02
N ARG A 302 16.12 15.77 -18.88
CA ARG A 302 16.70 17.09 -18.67
C ARG A 302 15.68 18.09 -19.16
N LYS A 303 14.92 17.62 -20.14
CA LYS A 303 13.82 18.41 -20.72
C LYS A 303 12.85 18.75 -19.57
N HIS A 304 12.78 17.85 -18.58
CA HIS A 304 11.87 18.01 -17.45
C HIS A 304 12.09 18.65 -16.10
N LEU A 305 13.05 19.38 -15.55
CA LEU A 305 14.42 19.71 -15.59
C LEU A 305 15.28 18.78 -14.72
N LEU A 306 14.81 17.59 -14.44
CA LEU A 306 15.61 16.48 -13.88
C LEU A 306 17.10 16.24 -14.15
N PHE A 307 17.74 15.56 -13.21
CA PHE A 307 19.12 15.10 -13.34
C PHE A 307 19.17 13.59 -13.68
N GLY A 308 20.19 13.15 -14.38
CA GLY A 308 20.16 11.77 -14.77
C GLY A 308 21.47 11.44 -15.43
N ASP A 309 21.89 10.18 -15.37
CA ASP A 309 23.06 9.75 -16.12
C ASP A 309 23.01 8.25 -16.06
N VAL A 310 23.78 7.61 -16.92
CA VAL A 310 23.92 6.15 -16.90
C VAL A 310 24.84 5.79 -15.75
N VAL A 311 24.34 4.98 -14.81
CA VAL A 311 25.07 4.71 -13.58
C VAL A 311 25.60 3.28 -13.40
N ALA A 312 24.96 2.28 -13.98
CA ALA A 312 25.42 0.92 -13.80
C ALA A 312 25.30 0.08 -15.06
N GLU A 313 26.03 -1.03 -15.03
CA GLU A 313 26.08 -1.92 -16.19
C GLU A 313 25.65 -3.30 -15.75
N VAL A 314 24.71 -3.89 -16.47
CA VAL A 314 24.26 -5.22 -16.13
C VAL A 314 25.24 -6.23 -16.74
N ILE A 315 25.88 -7.01 -15.87
CA ILE A 315 26.89 -8.02 -16.23
C ILE A 315 26.38 -9.41 -15.90
N GLU A 316 26.93 -10.42 -16.58
CA GLU A 316 26.43 -11.80 -16.56
C GLU A 316 26.70 -12.51 -15.25
N GLU A 317 27.88 -12.22 -14.72
CA GLU A 317 28.37 -12.85 -13.51
C GLU A 317 27.70 -12.23 -12.29
N PRO A 318 27.14 -13.07 -11.41
CA PRO A 318 26.33 -12.54 -10.32
C PRO A 318 27.12 -11.79 -9.28
N VAL A 319 28.00 -10.88 -9.69
CA VAL A 319 28.59 -10.03 -8.66
C VAL A 319 27.94 -8.66 -8.70
N TYR A 320 28.25 -7.91 -7.65
CA TYR A 320 27.77 -6.57 -7.50
C TYR A 320 29.07 -5.87 -7.12
N ARG A 321 29.64 -5.11 -8.05
CA ARG A 321 30.95 -4.51 -7.94
C ARG A 321 30.62 -3.02 -7.93
N VAL A 322 31.07 -2.29 -6.93
CA VAL A 322 30.75 -0.89 -6.91
C VAL A 322 32.04 -0.08 -7.08
N MET A 323 32.17 0.64 -8.19
CA MET A 323 33.27 1.59 -8.44
C MET A 323 33.03 3.09 -8.10
N TYR A 324 34.11 3.74 -7.70
CA TYR A 324 34.15 5.19 -7.72
C TYR A 324 35.36 5.65 -8.54
N ARG A 325 35.15 5.99 -9.80
CA ARG A 325 36.25 6.24 -10.75
C ARG A 325 36.81 4.84 -11.02
N ASN A 326 38.11 4.57 -10.92
CA ASN A 326 38.56 3.18 -11.08
C ASN A 326 38.92 2.51 -9.75
N ASP A 327 38.61 3.17 -8.65
CA ASP A 327 38.88 2.58 -7.34
C ASP A 327 37.72 1.64 -7.04
N LEU A 328 38.02 0.41 -6.66
CA LEU A 328 37.01 -0.56 -6.20
C LEU A 328 36.40 -0.12 -4.89
N VAL A 329 35.09 -0.17 -4.75
CA VAL A 329 34.52 0.32 -3.49
C VAL A 329 34.01 -0.86 -2.68
N MET A 330 33.42 -1.84 -3.37
CA MET A 330 32.87 -3.01 -2.74
C MET A 330 32.61 -4.04 -3.83
N GLU A 331 32.66 -5.31 -3.49
CA GLU A 331 32.26 -6.32 -4.47
C GLU A 331 31.82 -7.47 -3.61
N VAL A 332 30.61 -7.96 -3.85
CA VAL A 332 30.06 -9.02 -3.03
C VAL A 332 29.12 -9.76 -3.98
N PRO A 333 28.81 -11.03 -3.68
CA PRO A 333 27.74 -11.64 -4.44
C PRO A 333 26.43 -10.88 -4.22
N VAL A 334 25.83 -10.54 -5.36
CA VAL A 334 24.49 -9.97 -5.62
C VAL A 334 23.41 -10.70 -4.82
N GLN A 335 23.46 -12.02 -4.78
CA GLN A 335 22.45 -12.75 -4.06
C GLN A 335 22.62 -12.67 -2.55
N LEU A 336 23.83 -12.41 -2.07
CA LEU A 336 24.04 -12.29 -0.65
C LEU A 336 23.43 -10.95 -0.19
N LEU A 337 23.44 -9.91 -1.03
CA LEU A 337 22.76 -8.68 -0.60
C LEU A 337 21.22 -8.80 -0.55
N ALA A 338 20.69 -9.40 -1.62
CA ALA A 338 19.27 -9.62 -1.89
C ALA A 338 18.56 -10.57 -0.92
N ASN A 339 19.26 -11.50 -0.29
CA ASN A 339 18.52 -12.41 0.57
C ASN A 339 18.99 -12.32 2.02
N ALA A 340 18.28 -11.52 2.81
CA ALA A 340 18.44 -11.50 4.27
C ALA A 340 18.11 -12.86 4.87
N PRO A 341 18.80 -13.20 5.97
CA PRO A 341 18.59 -14.41 6.74
C PRO A 341 17.14 -14.56 7.14
N GLU A 342 16.53 -15.70 6.86
CA GLU A 342 15.13 -15.90 7.24
C GLU A 342 14.91 -16.58 8.57
N GLU A 343 14.29 -15.86 9.52
CA GLU A 343 13.73 -16.39 10.74
C GLU A 343 12.78 -17.58 10.54
N ASP A 344 12.77 -18.48 11.52
CA ASP A 344 11.79 -19.58 11.58
C ASP A 344 10.40 -18.93 11.66
N ILE A 345 9.35 -19.72 11.43
CA ILE A 345 7.98 -19.30 11.71
C ILE A 345 7.35 -20.21 12.75
N VAL A 346 6.27 -19.73 13.36
CA VAL A 346 5.43 -20.48 14.28
C VAL A 346 4.08 -20.80 13.62
N GLU A 347 3.70 -22.08 13.55
CA GLU A 347 2.36 -22.42 13.06
C GLU A 347 1.30 -22.10 14.08
N TYR A 348 0.19 -21.58 13.61
CA TYR A 348 -0.83 -21.09 14.48
C TYR A 348 -2.05 -21.85 14.09
N THR A 349 -2.79 -22.31 15.11
CA THR A 349 -3.91 -23.19 14.87
C THR A 349 -5.02 -22.33 15.42
N PRO A 350 -5.91 -21.88 14.55
CA PRO A 350 -6.94 -21.02 15.07
C PRO A 350 -7.82 -21.78 16.06
N GLY A 351 -8.42 -21.06 16.99
CA GLY A 351 -9.29 -21.64 17.99
C GLY A 351 -10.71 -21.22 17.68
N LYS A 352 -11.49 -20.94 18.71
CA LYS A 352 -12.89 -20.66 18.45
C LYS A 352 -13.00 -19.15 18.42
N ILE A 353 -14.03 -18.62 17.79
CA ILE A 353 -14.18 -17.19 17.71
C ILE A 353 -14.79 -16.74 19.01
N PRO A 354 -14.19 -15.77 19.70
CA PRO A 354 -14.65 -15.18 20.97
C PRO A 354 -15.94 -14.33 20.96
N GLU A 355 -16.46 -14.09 22.16
CA GLU A 355 -17.46 -13.02 22.33
C GLU A 355 -16.71 -11.68 22.42
N PHE A 356 -16.77 -10.87 21.38
CA PHE A 356 -15.97 -9.66 21.42
C PHE A 356 -16.64 -8.68 22.37
N LYS A 357 -15.86 -7.91 23.12
CA LYS A 357 -16.37 -6.69 23.76
C LYS A 357 -15.90 -5.44 23.03
N ARG A 358 -16.63 -4.36 23.24
CA ARG A 358 -16.33 -3.11 22.60
C ARG A 358 -15.07 -2.49 23.19
N VAL A 359 -14.16 -2.19 22.26
CA VAL A 359 -12.99 -1.35 22.44
C VAL A 359 -13.42 -0.04 21.79
N GLU A 360 -13.41 1.10 22.46
CA GLU A 360 -13.96 2.29 21.77
C GLU A 360 -12.90 3.09 21.00
N PHE A 361 -13.26 3.43 19.77
CA PHE A 361 -12.51 4.32 18.90
C PHE A 361 -13.46 5.48 18.72
N GLU A 362 -12.93 6.69 18.69
CA GLU A 362 -13.73 7.89 18.62
C GLU A 362 -14.40 8.14 17.27
N GLU A 363 -15.64 8.63 17.34
CA GLU A 363 -16.35 9.09 16.15
C GLU A 363 -15.60 10.30 15.62
N VAL A 364 -15.37 10.28 14.32
CA VAL A 364 -14.70 11.34 13.61
C VAL A 364 -15.58 11.59 12.36
N ASN A 365 -15.32 12.66 11.64
CA ASN A 365 -15.94 12.79 10.35
C ASN A 365 -14.84 13.13 9.35
N ALA A 366 -14.43 12.17 8.50
CA ALA A 366 -13.32 12.39 7.59
C ALA A 366 -13.70 13.44 6.55
N ARG A 367 -15.00 13.58 6.29
CA ARG A 367 -15.53 14.71 5.53
C ARG A 367 -14.89 16.02 6.02
N GLU A 368 -15.25 16.40 7.24
CA GLU A 368 -14.90 17.70 7.81
C GLU A 368 -13.40 17.84 8.01
N VAL A 369 -12.74 16.74 8.33
CA VAL A 369 -11.33 16.75 8.64
C VAL A 369 -10.51 17.33 7.46
N PHE A 370 -10.70 16.73 6.29
CA PHE A 370 -9.95 17.12 5.11
C PHE A 370 -10.30 18.44 4.43
N GLU A 371 -11.21 19.20 5.06
CA GLU A 371 -11.79 20.38 4.40
C GLU A 371 -11.15 21.72 4.74
N GLN A 372 -10.18 21.74 5.65
CA GLN A 372 -9.21 22.86 5.70
C GLN A 372 -8.24 22.88 4.51
N TYR A 373 -8.24 21.84 3.68
CA TYR A 373 -7.25 21.68 2.62
C TYR A 373 -7.75 21.51 1.16
N ASP A 374 -8.69 20.61 0.86
CA ASP A 374 -9.26 20.46 -0.51
C ASP A 374 -10.40 19.42 -0.58
N GLY A 378 -15.27 18.49 -4.41
CA GLY A 378 -15.57 17.06 -4.35
C GLY A 378 -14.82 16.27 -5.41
N THR A 379 -14.53 15.00 -5.10
CA THR A 379 -13.54 14.25 -5.86
C THR A 379 -14.05 13.80 -7.22
N ASP A 380 -13.17 13.12 -7.96
CA ASP A 380 -13.45 12.50 -9.24
C ASP A 380 -13.87 11.02 -9.14
N THR A 381 -14.69 10.65 -8.18
CA THR A 381 -15.08 9.24 -8.14
C THR A 381 -16.49 9.25 -8.74
N VAL A 382 -16.98 8.09 -9.13
CA VAL A 382 -18.39 7.97 -9.55
C VAL A 382 -19.32 8.53 -8.49
N VAL A 383 -19.31 8.00 -7.27
CA VAL A 383 -20.10 8.56 -6.18
C VAL A 383 -19.04 9.21 -5.25
N PRO A 384 -19.26 10.45 -4.79
CA PRO A 384 -18.36 11.19 -3.89
C PRO A 384 -17.90 10.40 -2.65
N PRO A 385 -16.66 10.62 -2.20
CA PRO A 385 -16.23 9.96 -0.96
C PRO A 385 -17.11 10.28 0.25
N GLY A 386 -17.15 9.30 1.13
CA GLY A 386 -17.81 9.43 2.40
C GLY A 386 -18.63 8.21 2.69
N PHE A 387 -18.92 7.39 1.68
CA PHE A 387 -19.78 6.23 1.88
C PHE A 387 -18.98 4.95 1.70
N GLY A 388 -18.01 4.62 2.50
CA GLY A 388 -17.32 3.38 2.11
C GLY A 388 -16.42 3.38 0.88
N ALA A 389 -16.60 2.38 0.02
CA ALA A 389 -15.71 2.14 -1.11
C ALA A 389 -15.85 3.22 -2.20
N ALA A 390 -14.75 3.61 -2.80
CA ALA A 390 -14.68 4.62 -3.86
C ALA A 390 -14.59 3.86 -5.16
N VAL A 391 -15.28 4.39 -6.18
CA VAL A 391 -15.25 3.83 -7.54
C VAL A 391 -14.63 4.83 -8.49
N MET A 392 -13.63 4.35 -9.25
CA MET A 392 -12.98 5.15 -10.29
C MET A 392 -13.39 4.64 -11.65
N ARG A 393 -13.62 5.62 -12.52
CA ARG A 393 -14.02 5.47 -13.91
C ARG A 393 -12.79 5.34 -14.80
N ILE A 394 -12.73 4.27 -15.58
CA ILE A 394 -11.77 4.20 -16.65
C ILE A 394 -12.41 4.67 -17.97
N LYS A 395 -13.59 4.16 -18.30
CA LYS A 395 -14.31 4.24 -19.57
C LYS A 395 -15.72 4.49 -19.12
N ARG A 396 -16.61 4.80 -20.05
CA ARG A 396 -18.01 5.00 -19.64
C ARG A 396 -18.56 3.78 -18.87
N ASP A 397 -18.14 2.57 -19.24
CA ASP A 397 -18.68 1.30 -18.73
C ASP A 397 -17.61 0.39 -18.09
N GLY A 398 -16.47 0.96 -17.76
CA GLY A 398 -15.40 0.19 -17.10
C GLY A 398 -14.90 1.00 -15.92
N GLY A 399 -14.61 0.32 -14.80
CA GLY A 399 -14.15 0.95 -13.58
C GLY A 399 -13.51 -0.06 -12.63
N TYR A 400 -13.03 0.48 -11.49
CA TYR A 400 -12.55 -0.33 -10.37
C TYR A 400 -12.93 0.34 -9.07
N SER A 401 -13.02 -0.48 -8.03
CA SER A 401 -13.29 0.11 -6.73
C SER A 401 -12.07 -0.06 -5.88
N LEU A 402 -12.00 0.71 -4.80
CA LEU A 402 -10.92 0.58 -3.85
C LEU A 402 -11.45 0.93 -2.46
N VAL A 403 -10.98 0.22 -1.42
CA VAL A 403 -11.38 0.51 -0.07
C VAL A 403 -10.26 0.05 0.82
N THR A 404 -10.09 0.67 1.99
CA THR A 404 -9.13 0.26 3.03
C THR A 404 -9.90 -0.01 4.27
N HIS A 405 -9.51 -1.07 5.01
CA HIS A 405 -10.18 -1.39 6.22
C HIS A 405 -9.27 -2.12 7.23
N SER A 406 -9.59 -2.03 8.52
CA SER A 406 -8.86 -2.76 9.49
C SER A 406 -9.81 -2.84 10.70
N ARG A 407 -9.55 -3.73 11.65
CA ARG A 407 -10.35 -3.95 12.85
C ARG A 407 -9.36 -4.26 13.96
N ALA A 408 -8.49 -3.30 14.30
CA ALA A 408 -7.64 -3.48 15.48
C ALA A 408 -8.47 -3.56 16.80
N ASP A 409 -9.66 -2.97 16.87
CA ASP A 409 -10.52 -3.15 18.05
C ASP A 409 -10.74 -4.65 18.33
N LEU A 410 -11.03 -5.41 17.28
CA LEU A 410 -11.28 -6.83 17.46
C LEU A 410 -9.93 -7.56 17.60
N ALA A 411 -8.96 -7.15 16.78
CA ALA A 411 -7.67 -7.78 16.75
C ALA A 411 -6.91 -7.68 18.08
N LEU A 412 -7.03 -6.55 18.78
CA LEU A 412 -6.57 -6.46 20.15
C LEU A 412 -6.98 -7.56 21.16
N GLN A 413 -8.24 -7.96 21.08
CA GLN A 413 -8.73 -9.10 21.85
C GLN A 413 -8.50 -10.43 21.16
N ASP A 414 -8.60 -10.54 19.85
CA ASP A 414 -8.27 -11.80 19.22
C ASP A 414 -7.64 -11.47 17.92
N THR A 415 -6.32 -11.60 17.87
CA THR A 415 -5.57 -11.35 16.68
C THR A 415 -5.95 -12.14 15.42
N TYR A 416 -6.11 -13.46 15.55
CA TYR A 416 -6.53 -14.30 14.43
C TYR A 416 -7.86 -13.86 13.82
N TRP A 417 -8.90 -14.00 14.61
CA TRP A 417 -10.27 -13.59 14.28
C TRP A 417 -10.49 -12.14 13.87
N GLY A 418 -9.92 -11.18 14.59
CA GLY A 418 -10.06 -9.78 14.23
C GLY A 418 -9.45 -9.38 12.92
N THR A 419 -8.26 -9.90 12.63
CA THR A 419 -7.72 -9.88 11.29
C THR A 419 -8.53 -10.49 10.14
N LEU A 420 -8.97 -11.71 10.38
CA LEU A 420 -9.76 -12.43 9.42
C LEU A 420 -11.01 -11.64 9.12
N ILE A 421 -11.70 -11.12 10.13
CA ILE A 421 -12.92 -10.33 9.91
C ILE A 421 -12.73 -9.02 9.13
N ALA A 422 -11.62 -8.30 9.31
CA ALA A 422 -11.26 -7.14 8.47
C ALA A 422 -11.25 -7.50 6.99
N VAL A 423 -10.62 -8.62 6.61
CA VAL A 423 -10.67 -9.16 5.25
C VAL A 423 -12.10 -9.43 4.75
N LEU A 424 -12.95 -10.11 5.51
CA LEU A 424 -14.31 -10.36 5.08
C LEU A 424 -15.13 -9.08 5.01
N GLU A 425 -14.94 -8.16 5.95
CA GLU A 425 -15.67 -6.94 5.88
C GLU A 425 -15.18 -6.05 4.73
N SER A 426 -13.95 -6.31 4.27
CA SER A 426 -13.49 -5.73 3.01
C SER A 426 -14.28 -6.19 1.77
N VAL A 427 -14.50 -7.50 1.69
CA VAL A 427 -15.32 -8.08 0.62
C VAL A 427 -16.70 -7.45 0.69
N ARG A 428 -17.25 -7.25 1.88
CA ARG A 428 -18.61 -6.73 1.96
C ARG A 428 -18.69 -5.33 1.38
N LYS A 429 -17.72 -4.46 1.70
CA LYS A 429 -17.62 -3.08 1.23
C LYS A 429 -17.49 -3.04 -0.27
N THR A 430 -16.79 -4.01 -0.83
CA THR A 430 -16.55 -4.10 -2.25
C THR A 430 -17.84 -4.52 -2.93
N LEU A 431 -18.50 -5.55 -2.40
CA LEU A 431 -19.80 -6.02 -2.92
C LEU A 431 -20.85 -4.93 -2.80
N SER A 432 -20.93 -4.25 -1.68
CA SER A 432 -21.94 -3.20 -1.51
C SER A 432 -21.90 -2.15 -2.59
N VAL A 433 -20.79 -1.97 -3.28
CA VAL A 433 -20.75 -0.94 -4.28
C VAL A 433 -21.01 -1.53 -5.66
N GLY A 434 -21.38 -2.81 -5.75
CA GLY A 434 -21.56 -3.45 -7.03
C GLY A 434 -20.31 -4.07 -7.59
N ALA A 435 -19.20 -3.96 -6.88
CA ALA A 435 -17.94 -4.37 -7.51
C ALA A 435 -17.62 -5.82 -7.23
N GLU A 436 -16.95 -6.58 -8.10
CA GLU A 436 -16.45 -7.93 -7.77
C GLU A 436 -15.01 -7.97 -7.26
N PRO A 437 -14.76 -8.46 -6.03
CA PRO A 437 -13.39 -8.43 -5.57
C PRO A 437 -12.39 -9.05 -6.55
N LEU A 438 -11.26 -8.39 -6.72
CA LEU A 438 -10.17 -8.84 -7.60
C LEU A 438 -8.92 -9.22 -6.80
N ALA A 439 -8.55 -8.44 -5.77
CA ALA A 439 -7.24 -8.69 -5.13
C ALA A 439 -7.18 -7.85 -3.89
N ILE A 440 -6.06 -8.01 -3.20
CA ILE A 440 -5.84 -7.36 -1.91
C ILE A 440 -4.41 -6.87 -1.88
N THR A 441 -4.20 -5.70 -1.28
CA THR A 441 -2.86 -5.29 -0.87
C THR A 441 -2.94 -5.12 0.66
N ASN A 442 -1.90 -5.44 1.39
CA ASN A 442 -2.21 -5.41 2.82
C ASN A 442 -1.01 -4.80 3.47
N CYS A 443 -1.20 -4.13 4.60
CA CYS A 443 -0.09 -3.64 5.37
C CYS A 443 -0.11 -4.20 6.82
N VAL A 444 0.87 -5.03 7.11
CA VAL A 444 1.06 -5.70 8.41
C VAL A 444 1.73 -4.81 9.43
N ASN A 445 1.00 -4.20 10.34
CA ASN A 445 1.60 -3.33 11.32
C ASN A 445 1.57 -4.09 12.67
N TYR A 446 2.75 -4.28 13.25
CA TYR A 446 2.87 -5.21 14.39
C TYR A 446 3.89 -4.72 15.44
N GLY A 447 3.78 -5.25 16.67
CA GLY A 447 4.79 -5.04 17.72
C GLY A 447 6.05 -5.83 17.48
N ASP A 448 6.61 -6.45 18.54
CA ASP A 448 7.90 -7.18 18.46
C ASP A 448 7.78 -8.69 18.30
N PRO A 449 8.16 -9.24 17.14
CA PRO A 449 7.98 -10.66 16.86
C PRO A 449 9.01 -11.61 17.49
N ASP A 450 10.11 -11.09 18.04
CA ASP A 450 11.05 -11.89 18.83
C ASP A 450 10.40 -12.24 20.15
N VAL A 451 9.90 -11.22 20.83
CA VAL A 451 9.11 -11.31 22.06
C VAL A 451 7.74 -11.96 21.92
N ASP A 452 6.97 -11.54 20.90
CA ASP A 452 5.72 -12.23 20.59
C ASP A 452 5.57 -12.85 19.19
N PRO A 453 6.23 -13.98 18.91
CA PRO A 453 6.16 -14.55 17.58
C PRO A 453 4.81 -15.11 17.11
N VAL A 454 3.98 -15.47 18.08
CA VAL A 454 2.70 -16.14 17.77
C VAL A 454 1.63 -15.20 17.21
N GLY A 455 1.48 -13.99 17.78
CA GLY A 455 0.57 -12.98 17.29
C GLY A 455 0.86 -12.51 15.87
N LEU A 456 2.11 -12.50 15.43
CA LEU A 456 2.44 -12.22 14.03
C LEU A 456 1.93 -13.37 13.19
N SER A 457 2.11 -14.59 13.68
CA SER A 457 1.62 -15.79 12.97
C SER A 457 0.11 -15.82 12.86
N ALA A 458 -0.61 -15.49 13.93
CA ALA A 458 -2.05 -15.44 13.90
C ALA A 458 -2.52 -14.45 12.82
N MET A 459 -1.82 -13.32 12.77
CA MET A 459 -2.09 -12.26 11.81
C MET A 459 -1.84 -12.77 10.42
N MET A 460 -0.69 -13.37 10.19
CA MET A 460 -0.36 -13.80 8.80
C MET A 460 -1.18 -14.98 8.30
N THR A 461 -1.57 -15.82 9.27
CA THR A 461 -2.37 -17.01 8.99
C THR A 461 -3.81 -16.57 8.84
N ALA A 462 -4.24 -15.53 9.55
CA ALA A 462 -5.59 -15.00 9.33
C ALA A 462 -5.76 -14.40 7.94
N LEU A 463 -4.70 -13.80 7.40
CA LEU A 463 -4.72 -13.21 6.07
C LEU A 463 -4.70 -14.32 5.00
N LYS A 464 -3.91 -15.37 5.19
CA LYS A 464 -3.91 -16.56 4.33
C LYS A 464 -5.24 -17.27 4.25
N ASN A 465 -5.88 -17.45 5.41
CA ASN A 465 -7.13 -18.21 5.43
C ASN A 465 -8.31 -17.43 4.87
N ALA A 466 -8.34 -16.12 5.16
CA ALA A 466 -9.42 -15.26 4.71
C ALA A 466 -9.32 -15.12 3.22
N CYS A 467 -8.12 -15.10 2.64
CA CYS A 467 -7.96 -15.12 1.13
C CYS A 467 -8.45 -16.39 0.46
N GLU A 468 -8.08 -17.53 1.05
CA GLU A 468 -8.67 -18.86 0.79
C GLU A 468 -10.16 -18.91 0.89
N PHE A 469 -10.71 -18.44 2.00
CA PHE A 469 -12.15 -18.52 2.21
C PHE A 469 -12.89 -17.65 1.23
N SER A 470 -12.31 -16.52 0.84
CA SER A 470 -13.13 -15.54 0.12
C SER A 470 -12.77 -15.63 -1.34
N GLY A 471 -11.61 -16.24 -1.60
CA GLY A 471 -11.08 -16.45 -2.93
C GLY A 471 -10.37 -15.23 -3.52
N VAL A 472 -9.97 -14.30 -2.64
CA VAL A 472 -9.35 -13.06 -3.14
C VAL A 472 -7.89 -13.18 -2.84
N PRO A 473 -7.07 -13.19 -3.90
CA PRO A 473 -5.61 -13.38 -3.70
C PRO A 473 -4.90 -12.08 -3.37
N VAL A 474 -3.67 -12.16 -2.89
CA VAL A 474 -2.92 -10.99 -2.43
C VAL A 474 -1.98 -10.60 -3.59
N ALA A 475 -2.09 -9.37 -4.10
CA ALA A 475 -1.15 -8.87 -5.11
C ALA A 475 0.14 -8.20 -4.63
N SER A 476 0.24 -7.80 -3.37
CA SER A 476 1.37 -6.96 -2.96
C SER A 476 1.07 -6.55 -1.53
N GLY A 477 2.07 -6.08 -0.80
CA GLY A 477 1.80 -5.73 0.57
C GLY A 477 3.06 -5.16 1.15
N ASN A 478 3.06 -4.93 2.45
CA ASN A 478 4.22 -4.40 3.10
C ASN A 478 4.19 -4.84 4.57
N ALA A 479 5.28 -4.72 5.32
CA ALA A 479 5.22 -4.97 6.75
C ALA A 479 5.99 -3.95 7.57
N SER A 480 5.40 -3.57 8.71
CA SER A 480 6.07 -2.73 9.71
C SER A 480 6.02 -3.46 11.08
N LEU A 481 7.16 -3.87 11.59
CA LEU A 481 7.26 -4.61 12.85
C LEU A 481 7.97 -3.72 13.89
N TYR A 482 8.12 -4.24 15.09
CA TYR A 482 8.73 -3.47 16.16
C TYR A 482 8.10 -2.09 16.40
N ASN A 483 6.76 -2.05 16.31
CA ASN A 483 5.91 -0.94 16.68
C ASN A 483 5.50 -1.08 18.17
N THR A 484 6.23 -0.39 19.01
CA THR A 484 6.14 -0.68 20.42
C THR A 484 6.52 0.54 21.28
N TYR A 485 5.98 0.59 22.49
CA TYR A 485 6.34 1.73 23.29
C TYR A 485 6.61 1.24 24.72
N GLN A 486 7.87 1.39 25.15
CA GLN A 486 8.33 0.86 26.44
C GLN A 486 7.90 -0.58 26.59
N GLY A 487 8.36 -1.42 25.67
CA GLY A 487 7.95 -2.81 25.66
C GLY A 487 6.47 -3.11 25.47
N LYS A 488 5.61 -2.11 25.34
CA LYS A 488 4.21 -2.45 25.06
C LYS A 488 3.95 -2.40 23.54
N PRO A 489 3.30 -3.43 22.94
CA PRO A 489 3.09 -3.39 21.50
C PRO A 489 1.82 -2.61 21.08
N ILE A 490 1.75 -2.13 19.85
CA ILE A 490 0.48 -1.55 19.39
C ILE A 490 -0.53 -2.67 19.21
N PRO A 491 -1.82 -2.32 19.03
CA PRO A 491 -2.83 -3.34 18.65
C PRO A 491 -2.44 -3.96 17.31
N PRO A 492 -2.57 -5.29 17.18
CA PRO A 492 -2.06 -5.73 15.87
C PRO A 492 -2.90 -5.17 14.74
N THR A 493 -2.29 -4.45 13.81
CA THR A 493 -3.12 -3.66 12.87
C THR A 493 -2.88 -3.95 11.39
N LEU A 494 -3.62 -4.86 10.79
CA LEU A 494 -3.39 -5.17 9.41
C LEU A 494 -4.37 -4.35 8.61
N VAL A 495 -3.96 -3.45 7.75
CA VAL A 495 -4.91 -2.67 6.94
C VAL A 495 -4.98 -3.38 5.61
N VAL A 496 -6.19 -3.55 5.12
CA VAL A 496 -6.51 -4.25 3.89
C VAL A 496 -6.94 -3.12 2.95
N GLY A 497 -6.39 -3.18 1.74
CA GLY A 497 -6.82 -2.39 0.64
C GLY A 497 -7.32 -3.42 -0.31
N MET A 498 -8.60 -3.39 -0.62
CA MET A 498 -9.10 -4.36 -1.60
C MET A 498 -9.50 -3.69 -2.90
N LEU A 499 -9.30 -4.41 -4.00
CA LEU A 499 -9.64 -3.90 -5.32
C LEU A 499 -10.74 -4.70 -5.99
N GLY A 500 -11.68 -3.99 -6.60
CA GLY A 500 -12.77 -4.63 -7.30
C GLY A 500 -12.91 -4.04 -8.70
N LYS A 501 -13.73 -4.76 -9.47
CA LYS A 501 -14.12 -4.49 -10.87
C LYS A 501 -15.58 -4.14 -10.94
N VAL A 502 -15.90 -2.93 -11.36
CA VAL A 502 -17.32 -2.56 -11.39
C VAL A 502 -17.54 -1.67 -12.63
N ASN A 503 -18.63 -1.90 -13.35
CA ASN A 503 -19.11 -0.96 -14.35
C ASN A 503 -19.69 0.31 -13.74
N PRO A 504 -19.12 1.51 -13.99
CA PRO A 504 -19.60 2.77 -13.35
C PRO A 504 -21.06 3.11 -13.65
N GLN A 505 -21.59 2.70 -14.79
CA GLN A 505 -23.00 2.89 -15.11
C GLN A 505 -23.95 2.12 -14.21
N LYS A 506 -23.46 1.14 -13.48
CA LYS A 506 -24.35 0.40 -12.61
C LYS A 506 -24.15 0.80 -11.14
N VAL A 507 -23.48 1.92 -10.88
CA VAL A 507 -23.27 2.33 -9.50
C VAL A 507 -24.46 3.15 -8.94
N ALA A 508 -24.93 2.77 -7.76
CA ALA A 508 -26.14 3.35 -7.25
C ALA A 508 -25.80 4.60 -6.49
N LYS A 509 -26.63 5.62 -6.67
CA LYS A 509 -26.41 6.93 -6.11
C LYS A 509 -27.36 7.09 -4.93
N PRO A 510 -26.97 7.82 -3.89
CA PRO A 510 -28.03 7.99 -2.92
C PRO A 510 -29.20 8.78 -3.50
N LYS A 511 -30.42 8.32 -3.20
CA LYS A 511 -31.70 9.00 -3.47
C LYS A 511 -32.70 8.88 -2.30
N PRO A 512 -33.79 9.64 -2.32
CA PRO A 512 -34.81 9.48 -1.26
C PRO A 512 -35.46 8.08 -1.26
N SER A 513 -35.49 7.45 -0.09
CA SER A 513 -35.82 6.02 -0.03
C SER A 513 -36.10 5.51 1.40
N LYS A 514 -36.45 4.21 1.50
CA LYS A 514 -36.52 3.54 2.80
C LYS A 514 -35.20 2.88 3.20
N VAL A 515 -34.94 2.75 4.50
CA VAL A 515 -33.70 2.17 5.04
C VAL A 515 -34.01 0.86 5.79
N PHE A 516 -33.24 -0.20 5.54
CA PHE A 516 -33.46 -1.54 6.08
C PHE A 516 -32.16 -2.06 6.73
N ALA A 517 -32.22 -2.68 7.91
CA ALA A 517 -31.10 -3.52 8.37
C ALA A 517 -31.12 -4.93 7.77
N VAL A 518 -30.12 -5.28 6.97
CA VAL A 518 -30.19 -6.59 6.37
C VAL A 518 -29.05 -7.42 6.96
N GLY A 519 -29.37 -8.62 7.40
CA GLY A 519 -28.38 -9.55 7.96
C GLY A 519 -28.57 -9.78 9.46
N TRP A 520 -27.55 -10.25 10.15
CA TRP A 520 -27.73 -10.59 11.55
C TRP A 520 -26.96 -9.61 12.43
N ASN A 521 -27.29 -9.51 13.73
CA ASN A 521 -26.60 -8.61 14.69
C ASN A 521 -25.28 -9.12 15.27
N ASP A 522 -24.96 -10.36 14.92
CA ASP A 522 -23.77 -11.05 15.41
C ASP A 522 -23.08 -11.78 14.25
N PHE A 523 -22.01 -12.48 14.56
CA PHE A 523 -21.25 -13.05 13.48
C PHE A 523 -21.06 -14.55 13.59
N GLU A 524 -21.41 -15.27 12.51
CA GLU A 524 -21.05 -16.68 12.39
C GLU A 524 -20.44 -16.92 11.05
N LEU A 525 -19.21 -17.44 11.08
CA LEU A 525 -18.45 -17.59 9.84
C LEU A 525 -19.24 -18.25 8.73
N GLU A 526 -19.91 -19.35 9.05
CA GLU A 526 -20.66 -20.06 8.03
C GLU A 526 -21.90 -19.37 7.42
N ARG A 527 -22.34 -18.22 7.91
CA ARG A 527 -23.29 -17.38 7.14
C ARG A 527 -22.73 -16.21 6.31
N GLU A 528 -21.40 -16.09 6.20
CA GLU A 528 -20.80 -14.89 5.70
C GLU A 528 -21.17 -14.82 4.23
N LYS A 529 -20.96 -15.96 3.56
CA LYS A 529 -21.28 -16.20 2.14
C LYS A 529 -22.74 -15.98 1.67
N GLU A 530 -23.66 -16.15 2.62
CA GLU A 530 -25.05 -15.83 2.44
C GLU A 530 -25.31 -14.33 2.54
N LEU A 531 -24.57 -13.63 3.41
CA LEU A 531 -24.58 -12.12 3.41
C LEU A 531 -24.13 -11.56 2.06
N TRP A 532 -23.04 -12.14 1.59
CA TRP A 532 -22.45 -11.72 0.33
C TRP A 532 -23.45 -11.87 -0.78
N ARG A 533 -24.04 -13.05 -0.86
CA ARG A 533 -24.96 -13.39 -1.95
C ARG A 533 -26.16 -12.46 -1.97
N ALA A 534 -26.60 -12.05 -0.78
CA ALA A 534 -27.66 -11.08 -0.56
C ALA A 534 -27.26 -9.63 -0.91
N ILE A 535 -26.06 -9.20 -0.50
CA ILE A 535 -25.56 -7.92 -0.97
C ILE A 535 -25.47 -7.87 -2.49
N ARG A 536 -24.92 -8.92 -3.12
CA ARG A 536 -24.97 -8.98 -4.60
C ARG A 536 -26.37 -8.84 -5.24
N LYS A 537 -27.36 -9.61 -4.79
CA LYS A 537 -28.70 -9.53 -5.35
C LYS A 537 -29.19 -8.10 -5.25
N LEU A 538 -29.11 -7.47 -4.08
CA LEU A 538 -29.67 -6.11 -3.89
C LEU A 538 -29.02 -4.97 -4.66
N SER A 539 -27.71 -5.13 -4.88
CA SER A 539 -26.88 -4.14 -5.54
C SER A 539 -27.17 -4.24 -7.03
N GLU A 540 -27.30 -5.45 -7.53
CA GLU A 540 -27.76 -5.69 -8.87
C GLU A 540 -29.14 -5.11 -9.20
N GLU A 541 -30.10 -5.12 -8.27
CA GLU A 541 -31.34 -4.36 -8.48
C GLU A 541 -31.19 -2.87 -8.22
N GLY A 542 -29.99 -2.35 -7.96
CA GLY A 542 -29.81 -0.91 -7.94
C GLY A 542 -30.06 -0.29 -6.58
N ALA A 543 -29.96 -1.07 -5.50
CA ALA A 543 -30.01 -0.45 -4.20
C ALA A 543 -28.65 0.14 -3.80
N PHE A 544 -28.68 1.22 -3.03
CA PHE A 544 -27.57 1.79 -2.33
C PHE A 544 -27.31 1.05 -0.99
N ILE A 545 -26.06 0.67 -0.71
CA ILE A 545 -25.76 -0.11 0.47
C ILE A 545 -24.59 0.42 1.31
N LEU A 546 -24.72 0.54 2.62
CA LEU A 546 -23.58 0.80 3.48
C LEU A 546 -23.17 -0.42 4.28
N SER A 547 -21.92 -0.84 4.22
CA SER A 547 -21.35 -1.87 5.04
C SER A 547 -20.30 -1.28 5.97
N SER A 548 -20.73 -0.78 7.11
CA SER A 548 -19.89 -0.12 8.07
C SER A 548 -19.86 -0.89 9.40
N SER A 549 -18.77 -0.81 10.16
CA SER A 549 -18.71 -1.69 11.35
C SER A 549 -19.56 -1.27 12.55
N GLN A 550 -20.16 -0.07 12.54
CA GLN A 550 -21.10 0.39 13.55
C GLN A 550 -22.33 0.86 12.75
N LEU A 551 -22.42 0.27 11.57
CA LEU A 551 -23.49 0.42 10.60
C LEU A 551 -23.67 1.74 9.93
N LEU A 552 -23.66 2.81 10.73
CA LEU A 552 -23.82 4.18 10.28
C LEU A 552 -22.83 5.11 10.98
N THR A 553 -22.04 5.87 10.21
CA THR A 553 -21.09 6.82 10.79
C THR A 553 -21.53 8.26 10.61
N ARG A 554 -20.71 9.13 11.17
CA ARG A 554 -20.90 10.57 11.11
C ARG A 554 -20.54 10.97 9.70
N THR A 555 -19.50 10.34 9.16
CA THR A 555 -19.12 10.68 7.80
C THR A 555 -20.29 10.37 6.83
N HIS A 556 -21.06 9.32 7.06
CA HIS A 556 -22.17 9.00 6.13
C HIS A 556 -23.29 10.00 6.28
N VAL A 557 -23.70 10.20 7.53
CA VAL A 557 -24.71 11.21 7.83
C VAL A 557 -24.39 12.58 7.21
N GLU A 558 -23.13 13.02 7.26
CA GLU A 558 -22.81 14.32 6.70
C GLU A 558 -22.72 14.39 5.18
N THR A 559 -22.22 13.32 4.56
CA THR A 559 -22.18 13.17 3.12
C THR A 559 -23.62 13.06 2.59
N PHE A 560 -24.55 12.42 3.32
CA PHE A 560 -25.97 12.42 2.92
C PHE A 560 -26.49 13.86 2.86
N ARG A 561 -26.17 14.73 3.83
CA ARG A 561 -26.54 16.15 3.76
C ARG A 561 -26.12 16.90 2.49
N GLU A 562 -24.89 16.67 2.03
CA GLU A 562 -24.48 17.09 0.71
C GLU A 562 -25.42 16.75 -0.43
N TYR A 563 -26.24 15.71 -0.30
CA TYR A 563 -27.13 15.45 -1.42
C TYR A 563 -28.41 16.18 -1.13
N GLY A 564 -28.39 16.91 -0.03
CA GLY A 564 -29.63 17.36 0.63
C GLY A 564 -30.58 16.29 1.18
N LEU A 565 -30.08 15.23 1.80
CA LEU A 565 -30.92 14.15 2.36
C LEU A 565 -30.73 13.96 3.85
N LYS A 566 -31.83 13.78 4.57
CA LYS A 566 -31.69 13.56 6.01
C LYS A 566 -32.10 12.12 6.22
N ILE A 567 -31.25 11.41 6.97
CA ILE A 567 -31.53 10.06 7.38
C ILE A 567 -32.15 10.03 8.79
N GLU A 568 -33.30 9.39 8.95
CA GLU A 568 -33.95 9.16 10.24
C GLU A 568 -34.13 7.65 10.35
N VAL A 569 -33.43 7.06 11.31
CA VAL A 569 -33.47 5.62 11.52
C VAL A 569 -33.35 5.21 12.99
N LYS A 570 -33.88 4.04 13.35
CA LYS A 570 -33.55 3.41 14.63
C LYS A 570 -32.54 2.27 14.47
N LEU A 571 -31.28 2.64 14.58
CA LEU A 571 -30.19 1.67 14.44
C LEU A 571 -30.37 0.48 15.35
N PRO A 572 -30.44 -0.76 14.82
CA PRO A 572 -30.34 -1.90 15.74
C PRO A 572 -29.10 -1.87 16.64
N GLU A 573 -29.25 -2.50 17.80
CA GLU A 573 -28.14 -2.88 18.68
C GLU A 573 -27.44 -4.06 17.99
N VAL A 574 -26.12 -3.96 17.80
CA VAL A 574 -25.34 -4.96 17.07
C VAL A 574 -24.09 -5.34 17.87
N ARG A 575 -23.57 -6.56 17.72
CA ARG A 575 -22.31 -6.97 18.39
C ARG A 575 -21.02 -6.40 17.73
N PRO A 576 -19.87 -6.32 18.47
CA PRO A 576 -18.72 -5.73 17.79
C PRO A 576 -18.41 -6.27 16.41
N ALA A 577 -18.35 -7.60 16.30
CA ALA A 577 -18.35 -8.36 15.03
C ALA A 577 -19.82 -8.61 14.67
N HIS A 578 -20.36 -8.04 13.59
CA HIS A 578 -21.68 -8.44 13.12
C HIS A 578 -21.72 -8.78 11.64
N GLN A 579 -22.92 -9.12 11.14
CA GLN A 579 -23.16 -9.37 9.70
C GLN A 579 -24.40 -8.63 9.22
N MET A 580 -24.42 -7.33 9.39
CA MET A 580 -25.56 -6.56 8.94
C MET A 580 -25.05 -5.37 8.14
N VAL A 581 -25.85 -4.95 7.17
CA VAL A 581 -25.52 -3.78 6.36
C VAL A 581 -26.80 -2.92 6.31
N LEU A 582 -26.74 -1.66 5.92
CA LEU A 582 -27.95 -0.89 5.62
C LEU A 582 -28.20 -0.77 4.11
N VAL A 583 -29.45 -1.00 3.75
CA VAL A 583 -29.91 -1.05 2.37
C VAL A 583 -30.89 0.11 2.14
N PHE A 584 -30.61 0.90 1.13
CA PHE A 584 -31.48 2.00 0.86
C PHE A 584 -32.23 1.71 -0.42
N SER A 585 -33.55 1.72 -0.28
CA SER A 585 -34.38 1.21 -1.38
C SER A 585 -35.79 1.81 -1.27
N GLU A 586 -36.36 2.05 -2.44
CA GLU A 586 -37.76 2.39 -2.51
C GLU A 586 -38.64 1.20 -2.16
N ARG A 587 -38.23 -0.05 -2.37
CA ARG A 587 -39.06 -1.20 -1.96
C ARG A 587 -38.39 -1.97 -0.81
N THR A 588 -39.11 -2.89 -0.17
CA THR A 588 -38.55 -3.81 0.81
C THR A 588 -37.70 -4.88 0.14
N PRO A 589 -36.46 -5.04 0.63
CA PRO A 589 -35.60 -6.12 0.13
C PRO A 589 -36.23 -7.51 0.23
N VAL A 590 -35.95 -8.30 -0.80
CA VAL A 590 -36.41 -9.66 -0.90
C VAL A 590 -35.16 -10.53 -1.03
N VAL A 591 -34.72 -11.04 0.10
CA VAL A 591 -33.50 -11.85 0.20
C VAL A 591 -33.63 -12.99 1.22
N ASP A 592 -32.75 -13.99 1.17
CA ASP A 592 -32.87 -15.15 1.99
C ASP A 592 -32.15 -14.86 3.31
N VAL A 593 -32.16 -13.60 3.72
CA VAL A 593 -31.60 -13.21 4.99
C VAL A 593 -32.55 -12.26 5.71
N PRO A 594 -32.37 -12.12 7.03
CA PRO A 594 -33.24 -11.30 7.88
C PRO A 594 -33.32 -9.87 7.36
N VAL A 595 -34.49 -9.26 7.37
CA VAL A 595 -34.61 -7.91 6.81
C VAL A 595 -35.58 -7.08 7.69
N LYS A 596 -35.17 -5.89 8.11
CA LYS A 596 -36.01 -5.16 9.05
C LYS A 596 -35.92 -3.71 8.66
N GLU A 597 -37.04 -2.98 8.58
CA GLU A 597 -37.08 -1.60 8.09
C GLU A 597 -36.91 -0.66 9.26
N ILE A 598 -36.08 0.35 9.15
CA ILE A 598 -35.72 1.01 10.39
C ILE A 598 -35.79 2.51 10.30
N GLY A 599 -36.27 3.01 9.15
CA GLY A 599 -36.32 4.43 8.91
C GLY A 599 -36.32 4.88 7.44
N THR A 600 -36.01 6.16 7.28
CA THR A 600 -36.15 6.75 5.98
C THR A 600 -34.97 7.67 5.67
N LEU A 601 -34.73 7.98 4.40
CA LEU A 601 -34.03 9.22 4.03
C LEU A 601 -34.60 10.02 2.85
N SER A 602 -34.55 11.34 2.97
CA SER A 602 -35.43 12.14 2.14
C SER A 602 -35.14 13.63 2.04
N ARG A 603 -35.77 14.23 1.03
CA ARG A 603 -36.17 15.63 1.01
C ARG A 603 -35.10 16.65 0.65
MG MG B . -13.35 2.60 7.48
MG MG C . 9.45 -0.78 -6.06
PG ATP D . -16.02 1.30 9.35
O1G ATP D . -16.28 -0.18 9.08
O2G ATP D . -14.60 1.72 9.25
O3G ATP D . -16.53 1.81 10.68
PB ATP D . -16.60 3.18 7.07
O1B ATP D . -15.24 2.87 6.49
O2B ATP D . -17.87 3.22 6.30
O3B ATP D . -16.93 2.21 8.34
PA ATP D . -15.15 5.46 8.14
O1A ATP D . -14.03 4.50 8.32
O2A ATP D . -15.51 6.39 9.25
O3A ATP D . -16.49 4.63 7.78
O5' ATP D . -15.04 6.17 6.72
C5' ATP D . -16.06 7.04 6.25
C4' ATP D . -15.73 7.52 4.84
O4' ATP D . -14.71 8.50 5.00
C3' ATP D . -15.16 6.41 3.96
O3' ATP D . -15.58 6.54 2.60
C2' ATP D . -13.65 6.63 4.08
O2' ATP D . -12.95 6.00 3.00
C1' ATP D . -13.54 8.15 4.24
N9 ATP D . -12.30 8.45 4.98
C8 ATP D . -11.99 7.93 6.18
N7 ATP D . -10.74 8.26 6.59
C5 ATP D . -10.21 8.96 5.58
C6 ATP D . -8.92 9.62 5.40
N6 ATP D . -7.94 9.51 6.36
N1 ATP D . -8.75 10.16 4.19
C2 ATP D . -9.67 10.20 3.23
N3 ATP D . -10.87 9.65 3.35
C4 ATP D . -11.20 9.07 4.52
PG ATP E . 9.01 0.15 -1.58
PG ATP E . 8.61 -3.50 -5.46
O1G ATP E . 7.90 -0.51 -0.81
O1G ATP E . 7.25 -2.92 -5.86
O2G ATP E . 10.31 0.24 -0.80
O2G ATP E . 9.71 -3.06 -6.41
O3G ATP E . 8.59 1.45 -2.25
O3G ATP E . 8.65 -4.93 -4.96
PB ATP E . 8.81 -2.48 -2.59
PB ATP E . 9.77 -3.11 -2.87
O1B ATP E . 7.31 -2.59 -2.61
O1B ATP E . 11.06 -3.89 -3.13
O2B ATP E . 9.56 -3.29 -3.63
O2B ATP E . 9.73 -1.86 -2.00
O3B ATP E . 9.29 -0.94 -2.72
O3B ATP E . 9.09 -2.59 -4.23
PA ATP E . 9.22 -4.37 -0.38
PA ATP E . 8.84 -4.45 -0.65
O1A ATP E . 7.98 -4.25 0.46
O1A ATP E . 7.78 -3.61 0.03
O2A ATP E . 10.58 -4.66 0.23
O2A ATP E . 10.31 -4.33 -0.30
O3A ATP E . 9.35 -2.94 -1.13
O3A ATP E . 8.72 -4.19 -2.25
O5' ATP E . 8.99 -5.58 -1.43
O5' ATP E . 8.50 -6.00 -0.38
C5' ATP E . 9.23 -6.92 -1.00
C5' ATP E . 9.28 -7.04 -0.94
C4' ATP E . 8.19 -7.83 -1.63
O4' ATP E . 7.42 -8.39 -0.58
C3' ATP E . 7.21 -6.96 -2.43
O3' ATP E . 6.84 -7.57 -3.68
C2' ATP E . 5.95 -6.87 -1.57
O2' ATP E . 4.78 -6.59 -2.37
C1' ATP E . 6.02 -8.20 -0.83
N9 ATP E . 5.38 -8.04 0.48
C8 ATP E . 5.91 -7.33 1.49
N7 ATP E . 5.03 -7.36 2.52
C5 ATP E . 3.91 -8.04 2.22
C6 ATP E . 2.66 -8.44 2.91
N6 ATP E . 2.32 -8.10 4.18
N1 ATP E . 1.80 -9.16 2.18
C2 ATP E . 2.11 -9.52 0.95
N3 ATP E . 3.21 -9.23 0.26
C4 ATP E . 4.17 -8.51 0.85
#